data_5TV0
#
_entry.id   5TV0
#
_cell.length_a   82.720
_cell.length_b   82.720
_cell.length_c   88.083
_cell.angle_alpha   90.00
_cell.angle_beta   90.00
_cell.angle_gamma   120.00
#
_symmetry.space_group_name_H-M   'P 32 2 1'
#
loop_
_entity.id
_entity.type
_entity.pdbx_description
1 polymer 'Orange carotenoid-binding protein'
2 non-polymer GLYCEROL
3 non-polymer "(3'R)-3'-hydroxy-beta,beta-caroten-4-one"
4 water water
#
_entity_poly.entity_id   1
_entity_poly.type   'polypeptide(L)'
_entity_poly.pdbx_seq_one_letter_code
;MPFTIDSARGIFPNTLAADVVPATIARFSQLNAEDQLALIWFAYLEMGKTLTIAAPGAASMQLAENALKEIQAMGPLQQT
QAMCDLANRADTPLCRTYASWSPNIKLGFWYRLGELMEQGFVAPIPAGYQLSANANAVLATIQGLESGQQITVLRNAVVD
MGFTAGKDGKRIAEPVVPPQDTASRTKVSIEGVTNATVLNYMDNLNANDFDTLIELFTSDGALQPPFQRPIVGKENVLRF
FREECQNLKLIPERGVTEPAEDGFTQIKVTGKVQTPWFGGNVGMNIAWRFLLNPEGKIFFVAIDLLASPKELLNFARHHH
HHH
;
_entity_poly.pdbx_strand_id   A
#
loop_
_chem_comp.id
_chem_comp.type
_chem_comp.name
_chem_comp.formula
EQ3 non-polymer (3'R)-3'-hydroxy-beta,beta-caroten-4-one 'C40 H54 O2'
GOL non-polymer GLYCEROL 'C3 H8 O3'
#
# COMPACT_ATOMS: atom_id res chain seq x y z
N PRO A 2 -17.53 -24.77 -8.10
CA PRO A 2 -17.53 -24.80 -6.64
C PRO A 2 -16.64 -23.73 -6.01
N PHE A 3 -15.52 -23.41 -6.66
CA PHE A 3 -14.69 -22.30 -6.18
C PHE A 3 -15.42 -20.99 -6.41
N THR A 4 -15.60 -20.23 -5.34
CA THR A 4 -15.91 -18.81 -5.44
C THR A 4 -14.68 -18.02 -5.01
N ILE A 5 -14.63 -16.76 -5.44
CA ILE A 5 -13.53 -15.91 -4.99
C ILE A 5 -13.48 -15.87 -3.47
N ASP A 6 -14.64 -15.67 -2.85
CA ASP A 6 -14.63 -15.46 -1.41
C ASP A 6 -14.23 -16.74 -0.66
N SER A 7 -14.52 -17.91 -1.22
CA SER A 7 -14.08 -19.14 -0.58
C SER A 7 -12.58 -19.36 -0.75
N ALA A 8 -12.05 -18.99 -1.93
CA ALA A 8 -10.62 -19.09 -2.19
C ALA A 8 -9.80 -18.26 -1.22
N ARG A 9 -10.41 -17.27 -0.57
CA ARG A 9 -9.68 -16.46 0.41
C ARG A 9 -9.11 -17.32 1.53
N GLY A 10 -9.60 -18.54 1.68
CA GLY A 10 -9.18 -19.39 2.77
C GLY A 10 -8.04 -20.35 2.49
N ILE A 11 -7.45 -20.34 1.29
CA ILE A 11 -6.38 -21.30 1.01
C ILE A 11 -5.18 -20.99 1.89
N PHE A 12 -4.41 -22.04 2.20
CA PHE A 12 -3.24 -21.93 3.07
C PHE A 12 -3.59 -21.22 4.40
N PRO A 13 -4.54 -21.76 5.16
CA PRO A 13 -5.00 -21.10 6.40
C PRO A 13 -3.96 -21.01 7.50
N ASN A 14 -2.83 -21.71 7.40
CA ASN A 14 -1.82 -21.55 8.44
C ASN A 14 -1.02 -20.27 8.29
N THR A 15 -1.20 -19.56 7.18
CA THR A 15 -0.45 -18.33 6.92
C THR A 15 -0.85 -17.28 7.96
N LEU A 16 0.09 -16.79 8.77
CA LEU A 16 -0.26 -15.81 9.82
C LEU A 16 0.03 -14.42 9.28
N ALA A 17 -1.03 -13.73 8.89
CA ALA A 17 -0.92 -12.36 8.41
C ALA A 17 -0.73 -11.42 9.59
N ALA A 18 -0.09 -10.27 9.31
CA ALA A 18 0.17 -9.27 10.33
C ALA A 18 -1.10 -8.44 10.58
N ASP A 19 -2.11 -9.08 11.16
CA ASP A 19 -3.35 -8.33 11.34
C ASP A 19 -3.26 -7.32 12.47
N VAL A 20 -2.11 -7.19 13.13
CA VAL A 20 -1.89 -6.01 13.97
C VAL A 20 -1.98 -4.72 13.16
N VAL A 21 -1.72 -4.79 11.86
CA VAL A 21 -1.77 -3.59 11.03
C VAL A 21 -3.22 -3.07 10.95
N PRO A 22 -4.20 -3.85 10.47
CA PRO A 22 -5.58 -3.34 10.51
C PRO A 22 -6.09 -3.09 11.91
N ALA A 23 -5.65 -3.87 12.90
CA ALA A 23 -6.05 -3.60 14.28
C ALA A 23 -5.61 -2.21 14.71
N THR A 24 -4.36 -1.86 14.41
CA THR A 24 -3.80 -0.57 14.79
C THR A 24 -4.49 0.56 14.03
N ILE A 25 -4.77 0.35 12.74
CA ILE A 25 -5.49 1.36 11.96
C ILE A 25 -6.86 1.62 12.57
N ALA A 26 -7.55 0.55 13.00
CA ALA A 26 -8.85 0.73 13.61
C ALA A 26 -8.76 1.54 14.89
N ARG A 27 -7.74 1.28 15.71
CA ARG A 27 -7.56 2.08 16.92
C ARG A 27 -7.23 3.53 16.57
N PHE A 28 -6.35 3.72 15.60
CA PHE A 28 -6.01 5.06 15.14
C PHE A 28 -7.25 5.81 14.66
N SER A 29 -8.14 5.12 13.96
CA SER A 29 -9.32 5.78 13.40
C SER A 29 -10.30 6.25 14.46
N GLN A 30 -10.19 5.75 15.69
CA GLN A 30 -11.03 6.19 16.79
C GLN A 30 -10.62 7.53 17.34
N LEU A 31 -9.38 7.95 17.06
CA LEU A 31 -8.79 9.07 17.78
C LEU A 31 -9.37 10.41 17.32
N ASN A 32 -9.35 11.37 18.23
CA ASN A 32 -9.56 12.78 17.90
C ASN A 32 -8.67 13.18 16.72
N ALA A 33 -9.22 14.01 15.81
CA ALA A 33 -8.51 14.35 14.59
C ALA A 33 -7.15 14.99 14.87
N GLU A 34 -7.09 15.96 15.78
CA GLU A 34 -5.80 16.57 16.03
C GLU A 34 -4.83 15.57 16.64
N ASP A 35 -5.33 14.61 17.42
CA ASP A 35 -4.51 13.51 17.90
C ASP A 35 -4.00 12.65 16.76
N GLN A 36 -4.86 12.34 15.79
CA GLN A 36 -4.40 11.58 14.62
C GLN A 36 -3.24 12.30 13.95
N LEU A 37 -3.41 13.59 13.70
CA LEU A 37 -2.40 14.37 12.99
C LEU A 37 -1.12 14.48 13.81
N ALA A 38 -1.24 14.74 15.11
CA ALA A 38 -0.05 14.83 15.95
C ALA A 38 0.68 13.51 16.00
N LEU A 39 -0.07 12.41 16.14
CA LEU A 39 0.54 11.09 16.26
C LEU A 39 1.37 10.78 15.03
N ILE A 40 0.83 11.03 13.83
CA ILE A 40 1.59 10.75 12.63
C ILE A 40 2.81 11.66 12.54
N TRP A 41 2.65 12.93 12.91
CA TRP A 41 3.80 13.83 12.95
C TRP A 41 4.90 13.25 13.84
N PHE A 42 4.53 12.81 15.05
CA PHE A 42 5.53 12.23 15.95
C PHE A 42 6.16 10.99 15.33
N ALA A 43 5.33 10.09 14.81
CA ALA A 43 5.84 8.84 14.25
C ALA A 43 6.77 9.14 13.10
N TYR A 44 6.37 10.10 12.27
CA TYR A 44 7.13 10.49 11.09
C TYR A 44 8.48 11.09 11.46
N LEU A 45 8.48 12.00 12.45
CA LEU A 45 9.74 12.59 12.90
C LEU A 45 10.69 11.55 13.43
N GLU A 46 10.19 10.62 14.25
CA GLU A 46 11.09 9.62 14.83
C GLU A 46 11.53 8.59 13.80
N MET A 47 10.62 8.18 12.91
CA MET A 47 11.01 7.24 11.86
C MET A 47 12.06 7.84 10.93
N GLY A 48 11.96 9.14 10.67
CA GLY A 48 12.88 9.81 9.76
C GLY A 48 14.31 9.84 10.23
N LYS A 49 14.56 9.47 11.49
CA LYS A 49 15.93 9.46 11.99
C LYS A 49 16.72 8.28 11.46
N THR A 50 16.05 7.27 10.91
CA THR A 50 16.72 6.11 10.35
C THR A 50 16.22 5.69 8.97
N LEU A 51 15.08 6.19 8.52
CA LEU A 51 14.53 5.87 7.21
C LEU A 51 14.19 7.15 6.48
N THR A 52 14.63 7.27 5.22
CA THR A 52 14.31 8.40 4.39
C THR A 52 13.23 8.01 3.38
N ILE A 53 12.15 8.80 3.32
CA ILE A 53 11.14 8.61 2.29
C ILE A 53 11.66 9.13 0.96
N ALA A 54 11.41 8.38 -0.10
CA ALA A 54 11.75 8.86 -1.42
C ALA A 54 10.86 10.06 -1.79
N ALA A 55 11.43 10.95 -2.60
CA ALA A 55 10.67 12.12 -3.01
C ALA A 55 9.51 11.72 -3.90
N PRO A 56 8.36 12.37 -3.77
CA PRO A 56 7.28 12.16 -4.73
C PRO A 56 7.72 12.47 -6.15
N GLY A 57 7.12 11.75 -7.09
CA GLY A 57 7.41 12.00 -8.50
C GLY A 57 6.90 13.34 -8.98
N ALA A 58 7.49 13.81 -10.08
CA ALA A 58 7.15 15.13 -10.60
C ALA A 58 5.69 15.19 -11.05
N ALA A 59 5.20 14.15 -11.72
CA ALA A 59 3.81 14.12 -12.15
C ALA A 59 2.88 14.20 -10.95
N SER A 60 3.16 13.41 -9.91
CA SER A 60 2.35 13.45 -8.70
C SER A 60 2.35 14.83 -8.07
N MET A 61 3.53 15.46 -7.99
CA MET A 61 3.59 16.80 -7.40
C MET A 61 2.76 17.79 -8.19
N GLN A 62 2.75 17.66 -9.51
CA GLN A 62 1.97 18.58 -10.33
C GLN A 62 0.49 18.41 -10.06
N LEU A 63 0.04 17.16 -9.88
CA LEU A 63 -1.38 16.92 -9.69
C LEU A 63 -1.87 17.43 -8.34
N ALA A 64 -1.02 17.42 -7.31
CA ALA A 64 -1.39 17.89 -5.99
C ALA A 64 -1.10 19.37 -5.78
N GLU A 65 -0.54 20.04 -6.78
CA GLU A 65 0.04 21.36 -6.58
C GLU A 65 -1.03 22.40 -6.23
N ASN A 66 -2.16 22.40 -6.95
N ASN A 66 -2.16 22.40 -6.94
CA ASN A 66 -3.19 23.39 -6.69
CA ASN A 66 -3.18 23.41 -6.68
C ASN A 66 -3.74 23.26 -5.27
C ASN A 66 -3.76 23.26 -5.27
N ALA A 67 -4.00 22.03 -4.82
CA ALA A 67 -4.50 21.83 -3.47
C ALA A 67 -3.48 22.30 -2.43
N LEU A 68 -2.21 21.97 -2.65
CA LEU A 68 -1.16 22.42 -1.74
C LEU A 68 -1.09 23.94 -1.69
N LYS A 69 -1.17 24.59 -2.85
CA LYS A 69 -1.12 26.06 -2.88
C LYS A 69 -2.28 26.67 -2.10
N GLU A 70 -3.48 26.11 -2.26
CA GLU A 70 -4.64 26.65 -1.55
C GLU A 70 -4.44 26.61 -0.04
N ILE A 71 -3.94 25.48 0.48
CA ILE A 71 -3.72 25.37 1.91
C ILE A 71 -2.66 26.36 2.36
N GLN A 72 -1.57 26.46 1.61
CA GLN A 72 -0.48 27.35 2.01
C GLN A 72 -0.95 28.80 2.08
N ALA A 73 -1.92 29.18 1.25
CA ALA A 73 -2.40 30.55 1.25
C ALA A 73 -3.29 30.88 2.43
N MET A 74 -3.81 29.86 3.14
CA MET A 74 -4.69 30.08 4.26
C MET A 74 -3.90 30.54 5.49
N GLY A 75 -4.60 31.21 6.40
CA GLY A 75 -4.05 31.55 7.69
C GLY A 75 -3.77 30.30 8.50
N PRO A 76 -2.93 30.41 9.52
CA PRO A 76 -2.54 29.19 10.27
C PRO A 76 -3.72 28.43 10.84
N LEU A 77 -4.67 29.11 11.47
CA LEU A 77 -5.80 28.38 12.05
C LEU A 77 -6.58 27.64 10.97
N GLN A 78 -6.70 28.24 9.78
CA GLN A 78 -7.42 27.60 8.69
C GLN A 78 -6.63 26.46 8.07
N GLN A 79 -5.29 26.56 8.05
CA GLN A 79 -4.49 25.43 7.61
C GLN A 79 -4.71 24.21 8.50
N THR A 80 -4.70 24.42 9.82
CA THR A 80 -4.95 23.33 10.74
C THR A 80 -6.35 22.76 10.54
N GLN A 81 -7.34 23.62 10.31
CA GLN A 81 -8.69 23.15 10.08
C GLN A 81 -8.76 22.28 8.83
N ALA A 82 -8.08 22.68 7.76
CA ALA A 82 -8.09 21.87 6.54
C ALA A 82 -7.50 20.50 6.78
N MET A 83 -6.41 20.43 7.53
CA MET A 83 -5.82 19.12 7.80
C MET A 83 -6.74 18.29 8.70
N CYS A 84 -7.40 18.94 9.67
CA CYS A 84 -8.37 18.21 10.48
C CYS A 84 -9.54 17.73 9.63
N ASP A 85 -9.99 18.54 8.67
CA ASP A 85 -11.05 18.11 7.76
C ASP A 85 -10.68 16.80 7.07
N LEU A 86 -9.45 16.70 6.57
CA LEU A 86 -9.00 15.48 5.92
C LEU A 86 -9.05 14.30 6.87
N ALA A 87 -8.53 14.48 8.10
CA ALA A 87 -8.50 13.38 9.06
C ALA A 87 -9.90 12.97 9.48
N ASN A 88 -10.81 13.95 9.63
CA ASN A 88 -12.19 13.69 10.00
C ASN A 88 -13.01 13.12 8.85
N ARG A 89 -12.46 13.06 7.64
CA ARG A 89 -13.22 12.64 6.47
C ARG A 89 -14.45 13.53 6.28
N ALA A 90 -14.28 14.83 6.57
CA ALA A 90 -15.34 15.79 6.36
C ALA A 90 -15.64 15.93 4.88
N ASP A 91 -16.87 16.36 4.57
CA ASP A 91 -17.25 16.63 3.20
C ASP A 91 -16.91 18.09 2.91
N THR A 92 -15.78 18.30 2.23
CA THR A 92 -15.37 19.62 1.77
C THR A 92 -14.76 19.48 0.39
N PRO A 93 -14.62 20.58 -0.35
CA PRO A 93 -14.01 20.48 -1.68
C PRO A 93 -12.61 19.89 -1.64
N LEU A 94 -11.77 20.34 -0.70
CA LEU A 94 -10.45 19.73 -0.53
C LEU A 94 -10.56 18.24 -0.27
N CYS A 95 -11.45 17.85 0.63
CA CYS A 95 -11.57 16.43 0.95
C CYS A 95 -12.04 15.61 -0.24
N ARG A 96 -12.91 16.17 -1.08
CA ARG A 96 -13.34 15.42 -2.27
C ARG A 96 -12.23 15.34 -3.30
N THR A 97 -11.49 16.43 -3.49
CA THR A 97 -10.31 16.37 -4.37
C THR A 97 -9.34 15.29 -3.89
N TYR A 98 -9.01 15.33 -2.60
CA TYR A 98 -8.08 14.36 -2.03
C TYR A 98 -8.56 12.94 -2.27
N ALA A 99 -9.86 12.70 -2.10
CA ALA A 99 -10.41 11.36 -2.27
C ALA A 99 -10.32 10.87 -3.70
N SER A 100 -10.27 11.77 -4.68
CA SER A 100 -10.16 11.36 -6.07
C SER A 100 -8.75 10.92 -6.44
N TRP A 101 -7.79 11.12 -5.54
CA TRP A 101 -6.38 10.85 -5.85
C TRP A 101 -6.01 9.41 -5.55
N SER A 102 -5.07 8.90 -6.35
CA SER A 102 -4.47 7.62 -6.07
C SER A 102 -3.65 7.69 -4.77
N PRO A 103 -3.36 6.55 -4.16
CA PRO A 103 -2.57 6.58 -2.92
C PRO A 103 -1.27 7.35 -3.06
N ASN A 104 -0.56 7.20 -4.18
CA ASN A 104 0.73 7.88 -4.28
C ASN A 104 0.58 9.39 -4.27
N ILE A 105 -0.50 9.91 -4.85
CA ILE A 105 -0.68 11.35 -4.87
C ILE A 105 -1.03 11.86 -3.47
N LYS A 106 -1.88 11.12 -2.75
CA LYS A 106 -2.19 11.46 -1.36
C LYS A 106 -0.92 11.46 -0.52
N LEU A 107 -0.10 10.41 -0.68
CA LEU A 107 1.14 10.33 0.08
C LEU A 107 2.07 11.48 -0.25
N GLY A 108 2.19 11.85 -1.53
CA GLY A 108 3.07 12.95 -1.89
C GLY A 108 2.57 14.29 -1.39
N PHE A 109 1.25 14.45 -1.30
CA PHE A 109 0.65 15.66 -0.74
C PHE A 109 1.07 15.83 0.71
N TRP A 110 0.94 14.77 1.51
CA TRP A 110 1.36 14.85 2.90
C TRP A 110 2.87 14.94 3.06
N TYR A 111 3.64 14.30 2.16
CA TYR A 111 5.09 14.49 2.18
C TYR A 111 5.45 15.97 2.10
N ARG A 112 4.79 16.71 1.19
CA ARG A 112 5.11 18.12 1.04
C ARG A 112 4.62 18.93 2.25
N LEU A 113 3.42 18.62 2.77
CA LEU A 113 2.98 19.33 3.96
C LEU A 113 3.93 19.09 5.12
N GLY A 114 4.47 17.88 5.23
CA GLY A 114 5.45 17.61 6.28
C GLY A 114 6.68 18.47 6.16
N GLU A 115 7.19 18.64 4.93
CA GLU A 115 8.32 19.52 4.73
C GLU A 115 7.97 20.95 5.11
N LEU A 116 6.77 21.40 4.75
CA LEU A 116 6.39 22.78 5.02
C LEU A 116 6.15 23.02 6.49
N MET A 117 5.63 22.02 7.21
CA MET A 117 5.45 22.15 8.66
C MET A 117 6.80 22.20 9.36
N GLU A 118 7.74 21.37 8.92
CA GLU A 118 9.11 21.44 9.46
C GLU A 118 9.68 22.83 9.29
N GLN A 119 9.45 23.45 8.14
CA GLN A 119 9.99 24.77 7.84
C GLN A 119 9.16 25.90 8.44
N GLY A 120 7.99 25.61 8.97
CA GLY A 120 7.15 26.62 9.59
C GLY A 120 6.23 27.37 8.64
N PHE A 121 6.15 26.96 7.38
CA PHE A 121 5.32 27.63 6.39
C PHE A 121 3.89 27.08 6.35
N VAL A 122 3.64 25.95 7.01
CA VAL A 122 2.30 25.44 7.26
C VAL A 122 2.19 25.22 8.76
N ALA A 123 1.02 25.49 9.32
CA ALA A 123 0.88 25.51 10.75
C ALA A 123 1.31 24.16 11.32
N PRO A 124 2.24 24.12 12.25
CA PRO A 124 2.74 22.84 12.78
C PRO A 124 1.83 22.32 13.88
N ILE A 125 2.13 21.09 14.31
CA ILE A 125 1.49 20.59 15.53
C ILE A 125 1.84 21.54 16.67
N PRO A 126 0.88 21.99 17.47
CA PRO A 126 1.18 22.92 18.57
C PRO A 126 2.37 22.44 19.39
N ALA A 127 3.22 23.39 19.79
CA ALA A 127 4.38 23.06 20.59
C ALA A 127 3.96 22.41 21.89
N GLY A 128 4.71 21.39 22.30
CA GLY A 128 4.43 20.70 23.55
C GLY A 128 3.14 19.89 23.57
N TYR A 129 2.51 19.67 22.41
CA TYR A 129 1.27 18.90 22.36
C TYR A 129 1.47 17.54 23.02
N GLN A 130 0.50 17.14 23.84
CA GLN A 130 0.51 15.82 24.46
C GLN A 130 -0.67 14.99 23.93
N LEU A 131 -0.36 13.79 23.48
CA LEU A 131 -1.38 12.92 22.93
C LEU A 131 -2.36 12.47 24.01
N SER A 132 -3.58 12.14 23.58
CA SER A 132 -4.54 11.51 24.48
C SER A 132 -4.02 10.16 24.97
N ALA A 133 -4.68 9.66 26.01
CA ALA A 133 -4.31 8.33 26.52
C ALA A 133 -4.38 7.28 25.42
N ASN A 134 -5.49 7.23 24.68
CA ASN A 134 -5.59 6.23 23.62
C ASN A 134 -4.56 6.48 22.52
N ALA A 135 -4.31 7.75 22.17
CA ALA A 135 -3.38 8.05 21.09
C ALA A 135 -1.95 7.66 21.47
N ASN A 136 -1.55 7.94 22.72
CA ASN A 136 -0.21 7.56 23.14
C ASN A 136 0.00 6.06 23.01
N ALA A 137 -1.04 5.28 23.37
CA ALA A 137 -0.92 3.83 23.28
C ALA A 137 -0.83 3.36 21.83
N VAL A 138 -1.57 4.00 20.93
CA VAL A 138 -1.48 3.66 19.52
C VAL A 138 -0.08 3.95 19.00
N LEU A 139 0.49 5.11 19.36
CA LEU A 139 1.84 5.41 18.89
C LEU A 139 2.83 4.40 19.44
N ALA A 140 2.70 4.04 20.72
CA ALA A 140 3.56 3.01 21.29
C ALA A 140 3.44 1.71 20.50
N THR A 141 2.23 1.30 20.16
CA THR A 141 2.10 0.07 19.38
C THR A 141 2.83 0.21 18.05
N ILE A 142 2.66 1.34 17.37
CA ILE A 142 3.30 1.52 16.07
C ILE A 142 4.82 1.43 16.21
N GLN A 143 5.37 2.08 17.23
CA GLN A 143 6.82 2.14 17.35
C GLN A 143 7.40 0.78 17.71
N GLY A 144 6.59 -0.15 18.19
CA GLY A 144 7.00 -1.50 18.46
C GLY A 144 6.93 -2.44 17.28
N LEU A 145 6.37 -1.99 16.15
CA LEU A 145 6.23 -2.84 14.98
C LEU A 145 7.51 -2.85 14.13
N GLU A 146 7.66 -3.92 13.35
CA GLU A 146 8.69 -3.94 12.31
C GLU A 146 8.44 -2.82 11.30
N SER A 147 9.50 -2.37 10.64
CA SER A 147 9.39 -1.22 9.75
C SER A 147 8.39 -1.48 8.63
N GLY A 148 8.34 -2.71 8.11
CA GLY A 148 7.38 -3.00 7.06
C GLY A 148 5.94 -2.80 7.49
N GLN A 149 5.65 -3.12 8.76
CA GLN A 149 4.31 -2.92 9.29
C GLN A 149 4.07 -1.45 9.62
N GLN A 150 5.10 -0.76 10.14
CA GLN A 150 4.95 0.67 10.43
C GLN A 150 4.54 1.44 9.17
N ILE A 151 5.27 1.25 8.07
CA ILE A 151 4.95 2.03 6.88
C ILE A 151 3.58 1.64 6.32
N THR A 152 3.13 0.40 6.53
CA THR A 152 1.81 0.02 6.07
C THR A 152 0.72 0.68 6.90
N VAL A 153 0.90 0.75 8.22
CA VAL A 153 -0.04 1.51 9.05
C VAL A 153 -0.12 2.96 8.57
N LEU A 154 1.03 3.62 8.40
CA LEU A 154 1.02 5.03 8.01
C LEU A 154 0.36 5.22 6.65
N ARG A 155 0.72 4.37 5.68
CA ARG A 155 0.10 4.48 4.36
C ARG A 155 -1.40 4.36 4.44
N ASN A 156 -1.89 3.32 5.12
CA ASN A 156 -3.34 3.12 5.14
C ASN A 156 -4.04 4.25 5.87
N ALA A 157 -3.43 4.79 6.92
CA ALA A 157 -4.01 5.95 7.60
C ALA A 157 -4.14 7.13 6.63
N VAL A 158 -3.11 7.39 5.82
CA VAL A 158 -3.16 8.49 4.86
C VAL A 158 -4.22 8.24 3.81
N VAL A 159 -4.29 7.03 3.29
CA VAL A 159 -5.20 6.75 2.19
C VAL A 159 -6.64 6.84 2.67
N ASP A 160 -6.89 6.58 3.95
CA ASP A 160 -8.24 6.60 4.50
C ASP A 160 -8.80 8.02 4.65
N MET A 161 -7.96 9.06 4.51
CA MET A 161 -8.45 10.41 4.77
C MET A 161 -9.25 10.95 3.59
N GLY A 162 -9.87 12.10 3.81
CA GLY A 162 -10.70 12.70 2.78
C GLY A 162 -12.09 12.15 2.78
N PHE A 163 -12.85 12.54 1.76
CA PHE A 163 -14.28 12.21 1.69
C PHE A 163 -14.61 11.50 0.38
N ARG A 171 -11.28 9.71 -10.86
CA ARG A 171 -10.04 9.07 -10.39
C ARG A 171 -8.82 9.71 -11.04
N ILE A 172 -7.94 10.25 -10.21
N ILE A 172 -7.93 10.25 -10.22
CA ILE A 172 -6.70 10.88 -10.65
CA ILE A 172 -6.70 10.89 -10.67
C ILE A 172 -5.54 9.99 -10.21
C ILE A 172 -5.53 10.04 -10.21
N ALA A 173 -4.68 9.64 -11.16
CA ALA A 173 -3.51 8.84 -10.86
C ALA A 173 -2.34 9.34 -11.68
N GLU A 174 -1.13 8.86 -11.33
CA GLU A 174 0.05 9.22 -12.08
C GLU A 174 0.03 8.57 -13.45
N PRO A 175 0.74 9.14 -14.42
CA PRO A 175 0.86 8.48 -15.73
C PRO A 175 1.45 7.08 -15.59
N VAL A 176 1.10 6.21 -16.52
CA VAL A 176 1.61 4.84 -16.47
C VAL A 176 2.97 4.78 -17.14
N VAL A 177 3.95 4.24 -16.43
CA VAL A 177 5.32 4.17 -16.94
C VAL A 177 5.41 3.08 -18.01
N PRO A 178 6.18 3.28 -19.07
CA PRO A 178 6.28 2.22 -20.09
C PRO A 178 6.93 0.99 -19.50
N PRO A 179 6.54 -0.21 -19.98
CA PRO A 179 7.13 -1.43 -19.44
C PRO A 179 8.65 -1.45 -19.66
N GLN A 180 9.33 -2.15 -18.77
CA GLN A 180 10.79 -2.23 -18.86
C GLN A 180 11.22 -2.89 -20.16
N ASP A 181 12.32 -2.39 -20.73
CA ASP A 181 12.87 -2.97 -21.94
C ASP A 181 13.12 -4.46 -21.77
N THR A 182 12.66 -5.24 -22.74
CA THR A 182 12.71 -6.70 -22.63
C THR A 182 14.12 -7.19 -22.34
N ALA A 183 15.12 -6.61 -22.99
CA ALA A 183 16.48 -7.13 -22.88
C ALA A 183 17.06 -6.91 -21.49
N SER A 184 16.60 -5.89 -20.77
CA SER A 184 17.15 -5.58 -19.45
C SER A 184 16.35 -6.20 -18.31
N ARG A 185 15.30 -6.98 -18.62
CA ARG A 185 14.52 -7.60 -17.55
C ARG A 185 15.28 -8.75 -16.92
N THR A 186 15.23 -8.82 -15.60
CA THR A 186 15.77 -9.95 -14.86
C THR A 186 14.63 -10.88 -14.45
N LYS A 187 14.95 -12.16 -14.28
CA LYS A 187 13.97 -13.16 -13.92
C LYS A 187 14.18 -13.61 -12.48
N VAL A 188 13.07 -13.88 -11.78
CA VAL A 188 13.17 -14.39 -10.42
C VAL A 188 13.44 -15.89 -10.46
N SER A 189 13.92 -16.41 -9.33
CA SER A 189 14.04 -17.84 -9.11
C SER A 189 13.44 -18.11 -7.73
N ILE A 190 12.60 -19.13 -7.65
CA ILE A 190 11.87 -19.45 -6.44
C ILE A 190 12.17 -20.89 -6.09
N GLU A 191 12.78 -21.12 -4.93
CA GLU A 191 13.03 -22.48 -4.47
C GLU A 191 11.75 -23.29 -4.53
N GLY A 192 11.80 -24.41 -5.24
CA GLY A 192 10.70 -25.33 -5.28
C GLY A 192 9.61 -25.02 -6.28
N VAL A 193 9.61 -23.85 -6.91
CA VAL A 193 8.52 -23.43 -7.77
C VAL A 193 9.07 -23.13 -9.16
N THR A 194 8.69 -23.94 -10.15
CA THR A 194 8.97 -23.65 -11.55
C THR A 194 7.69 -23.32 -12.32
N ASN A 195 6.56 -23.17 -11.64
CA ASN A 195 5.28 -22.90 -12.32
C ASN A 195 5.38 -21.66 -13.17
N ALA A 196 5.09 -21.80 -14.47
CA ALA A 196 5.30 -20.71 -15.40
C ALA A 196 4.40 -19.53 -15.08
N THR A 197 3.16 -19.78 -14.64
CA THR A 197 2.26 -18.69 -14.32
C THR A 197 2.80 -17.85 -13.18
N VAL A 198 3.29 -18.50 -12.13
CA VAL A 198 3.83 -17.77 -10.99
C VAL A 198 5.06 -16.97 -11.39
N LEU A 199 5.98 -17.60 -12.14
CA LEU A 199 7.19 -16.89 -12.53
C LEU A 199 6.87 -15.72 -13.45
N ASN A 200 5.93 -15.91 -14.37
CA ASN A 200 5.52 -14.83 -15.28
C ASN A 200 4.81 -13.72 -14.51
N TYR A 201 4.06 -14.07 -13.47
CA TYR A 201 3.45 -13.06 -12.63
C TYR A 201 4.53 -12.18 -11.99
N MET A 202 5.52 -12.80 -11.35
CA MET A 202 6.57 -12.02 -10.69
C MET A 202 7.35 -11.19 -11.69
N ASP A 203 7.76 -11.80 -12.79
CA ASP A 203 8.63 -11.11 -13.72
C ASP A 203 7.92 -9.96 -14.42
N ASN A 204 6.65 -10.16 -14.78
CA ASN A 204 5.96 -9.08 -15.48
C ASN A 204 5.64 -7.94 -14.52
N LEU A 205 5.31 -8.24 -13.27
CA LEU A 205 5.10 -7.14 -12.32
C LEU A 205 6.40 -6.38 -12.06
N ASN A 206 7.52 -7.11 -11.94
CA ASN A 206 8.81 -6.43 -11.76
C ASN A 206 9.20 -5.58 -12.96
N ALA A 207 8.60 -5.83 -14.13
CA ALA A 207 8.89 -5.06 -15.33
C ALA A 207 7.81 -4.02 -15.62
N ASN A 208 6.86 -3.83 -14.70
CA ASN A 208 5.73 -2.91 -14.94
C ASN A 208 4.99 -3.25 -16.23
N ASP A 209 4.98 -4.54 -16.61
CA ASP A 209 4.34 -4.96 -17.86
C ASP A 209 2.92 -5.43 -17.53
N PHE A 210 2.05 -4.47 -17.28
CA PHE A 210 0.72 -4.79 -16.75
C PHE A 210 -0.17 -5.44 -17.79
N ASP A 211 -0.02 -5.08 -19.07
CA ASP A 211 -0.82 -5.71 -20.12
C ASP A 211 -0.51 -7.19 -20.25
N THR A 212 0.75 -7.57 -20.11
CA THR A 212 1.07 -9.00 -20.13
C THR A 212 0.60 -9.67 -18.85
N LEU A 213 0.78 -8.97 -17.73
CA LEU A 213 0.42 -9.52 -16.43
C LEU A 213 -1.06 -9.87 -16.36
N ILE A 214 -1.91 -8.97 -16.86
CA ILE A 214 -3.35 -9.21 -16.68
C ILE A 214 -3.81 -10.42 -17.49
N GLU A 215 -3.09 -10.77 -18.56
CA GLU A 215 -3.55 -11.90 -19.34
C GLU A 215 -3.31 -13.24 -18.64
N LEU A 216 -2.59 -13.24 -17.52
CA LEU A 216 -2.46 -14.46 -16.71
C LEU A 216 -3.74 -14.79 -15.94
N PHE A 217 -4.69 -13.87 -15.85
CA PHE A 217 -5.87 -14.04 -14.99
C PHE A 217 -7.04 -14.60 -15.77
N THR A 218 -7.90 -15.35 -15.05
CA THR A 218 -9.19 -15.66 -15.62
C THR A 218 -10.03 -14.39 -15.70
N SER A 219 -11.04 -14.42 -16.57
CA SER A 219 -11.87 -13.24 -16.76
C SER A 219 -12.48 -12.78 -15.45
N ASP A 220 -12.82 -13.72 -14.58
CA ASP A 220 -13.49 -13.44 -13.32
C ASP A 220 -12.52 -13.54 -12.14
N GLY A 221 -11.22 -13.52 -12.42
CA GLY A 221 -10.24 -13.74 -11.39
C GLY A 221 -10.04 -12.51 -10.54
N ALA A 222 -9.41 -12.72 -9.38
CA ALA A 222 -9.33 -11.65 -8.41
C ALA A 222 -7.94 -11.60 -7.80
N LEU A 223 -7.57 -10.40 -7.36
CA LEU A 223 -6.31 -10.15 -6.67
C LEU A 223 -6.66 -9.47 -5.36
N GLN A 224 -6.12 -10.01 -4.26
CA GLN A 224 -6.43 -9.48 -2.93
C GLN A 224 -5.19 -8.86 -2.31
N PRO A 225 -5.07 -7.54 -2.29
CA PRO A 225 -3.93 -6.90 -1.65
C PRO A 225 -3.99 -7.07 -0.15
N PRO A 226 -2.88 -6.81 0.56
CA PRO A 226 -2.86 -7.00 2.02
C PRO A 226 -3.98 -6.22 2.72
N PHE A 227 -4.79 -6.94 3.48
CA PHE A 227 -5.82 -6.37 4.34
C PHE A 227 -6.92 -5.67 3.56
N GLN A 228 -7.05 -5.95 2.27
N GLN A 228 -7.09 -5.96 2.28
CA GLN A 228 -8.12 -5.40 1.45
CA GLN A 228 -8.14 -5.35 1.46
C GLN A 228 -9.04 -6.53 0.96
C GLN A 228 -8.95 -6.43 0.78
N ARG A 229 -10.21 -6.11 0.48
CA ARG A 229 -11.09 -7.10 -0.14
C ARG A 229 -10.59 -7.45 -1.54
N PRO A 230 -10.94 -8.63 -2.05
CA PRO A 230 -10.54 -9.00 -3.40
C PRO A 230 -11.00 -7.97 -4.41
N ILE A 231 -10.10 -7.66 -5.35
CA ILE A 231 -10.41 -6.87 -6.54
C ILE A 231 -10.71 -7.84 -7.67
N VAL A 232 -11.91 -7.78 -8.25
CA VAL A 232 -12.47 -8.88 -9.03
C VAL A 232 -12.62 -8.47 -10.49
N GLY A 233 -12.09 -9.30 -11.38
CA GLY A 233 -12.25 -9.14 -12.81
C GLY A 233 -11.09 -8.36 -13.44
N LYS A 234 -10.84 -8.64 -14.72
CA LYS A 234 -9.63 -8.12 -15.35
C LYS A 234 -9.63 -6.60 -15.41
N GLU A 235 -10.77 -5.97 -15.69
CA GLU A 235 -10.81 -4.51 -15.75
C GLU A 235 -10.35 -3.91 -14.42
N ASN A 236 -10.91 -4.38 -13.31
CA ASN A 236 -10.59 -3.78 -12.02
C ASN A 236 -9.17 -4.11 -11.59
N VAL A 237 -8.70 -5.34 -11.87
CA VAL A 237 -7.35 -5.69 -11.46
C VAL A 237 -6.32 -4.91 -12.29
N LEU A 238 -6.57 -4.77 -13.59
CA LEU A 238 -5.68 -3.95 -14.43
C LEU A 238 -5.64 -2.51 -13.94
N ARG A 239 -6.80 -1.95 -13.59
CA ARG A 239 -6.82 -0.59 -13.07
C ARG A 239 -5.96 -0.48 -11.83
N PHE A 240 -6.04 -1.49 -10.96
CA PHE A 240 -5.25 -1.47 -9.74
C PHE A 240 -3.76 -1.53 -10.05
N PHE A 241 -3.34 -2.42 -10.97
CA PHE A 241 -1.94 -2.47 -11.37
C PHE A 241 -1.47 -1.09 -11.82
N ARG A 242 -2.25 -0.44 -12.70
CA ARG A 242 -1.80 0.81 -13.30
C ARG A 242 -1.76 1.95 -12.29
N GLU A 243 -2.70 1.96 -11.34
CA GLU A 243 -2.79 3.08 -10.41
C GLU A 243 -1.84 2.95 -9.23
N GLU A 244 -1.55 1.72 -8.79
CA GLU A 244 -0.94 1.51 -7.48
C GLU A 244 0.29 0.61 -7.49
N CYS A 245 0.57 -0.12 -8.57
CA CYS A 245 1.59 -1.18 -8.51
C CYS A 245 2.79 -0.91 -9.40
N GLN A 246 3.10 0.37 -9.66
CA GLN A 246 4.26 0.70 -10.46
C GLN A 246 5.53 0.69 -9.59
N ASN A 247 6.61 0.17 -10.17
CA ASN A 247 7.96 0.29 -9.64
C ASN A 247 8.17 -0.51 -8.35
N LEU A 248 7.38 -1.56 -8.14
CA LEU A 248 7.66 -2.48 -7.04
C LEU A 248 8.85 -3.35 -7.38
N LYS A 249 9.45 -3.93 -6.34
CA LYS A 249 10.49 -4.95 -6.51
C LYS A 249 10.08 -6.18 -5.72
N LEU A 250 9.66 -7.21 -6.44
CA LEU A 250 9.24 -8.46 -5.82
C LEU A 250 10.44 -9.40 -5.74
N ILE A 251 10.69 -9.93 -4.55
CA ILE A 251 11.85 -10.79 -4.32
C ILE A 251 11.35 -12.09 -3.68
N PRO A 252 10.64 -12.90 -4.45
CA PRO A 252 10.17 -14.19 -3.92
C PRO A 252 11.36 -15.10 -3.66
N GLU A 253 11.21 -15.94 -2.64
CA GLU A 253 12.32 -16.77 -2.19
C GLU A 253 12.03 -18.25 -2.32
N ARG A 254 10.86 -18.70 -1.88
CA ARG A 254 10.61 -20.12 -1.69
C ARG A 254 9.11 -20.37 -1.79
N GLY A 255 8.74 -21.59 -2.16
CA GLY A 255 7.33 -21.86 -2.31
C GLY A 255 6.97 -23.33 -2.17
N VAL A 256 5.67 -23.60 -2.26
CA VAL A 256 5.15 -24.95 -2.17
C VAL A 256 3.94 -25.05 -3.11
N THR A 257 3.78 -26.22 -3.73
CA THR A 257 2.81 -26.44 -4.81
C THR A 257 1.95 -27.65 -4.46
N GLU A 258 0.62 -27.48 -4.49
CA GLU A 258 -0.28 -28.55 -4.07
C GLU A 258 -1.50 -28.60 -4.96
N PRO A 259 -2.09 -29.77 -5.12
CA PRO A 259 -3.35 -29.85 -5.85
C PRO A 259 -4.48 -29.21 -5.04
N ALA A 260 -5.45 -28.67 -5.77
CA ALA A 260 -6.67 -28.15 -5.18
C ALA A 260 -7.85 -28.82 -5.87
N GLU A 261 -9.06 -28.48 -5.43
CA GLU A 261 -10.25 -29.14 -5.99
C GLU A 261 -10.39 -28.85 -7.48
N ASP A 262 -11.00 -29.80 -8.20
CA ASP A 262 -11.43 -29.57 -9.59
C ASP A 262 -10.27 -29.32 -10.54
N GLY A 263 -9.15 -30.01 -10.30
CA GLY A 263 -8.01 -29.87 -11.20
C GLY A 263 -7.25 -28.58 -11.02
N PHE A 264 -7.61 -27.77 -10.05
CA PHE A 264 -6.88 -26.55 -9.75
C PHE A 264 -5.58 -26.90 -9.02
N THR A 265 -4.71 -25.91 -8.93
CA THR A 265 -3.44 -26.01 -8.20
C THR A 265 -3.35 -24.83 -7.26
N GLN A 266 -2.90 -25.06 -6.03
CA GLN A 266 -2.65 -23.94 -5.13
C GLN A 266 -1.16 -23.85 -4.80
N ILE A 267 -0.63 -22.63 -4.87
CA ILE A 267 0.81 -22.38 -4.70
C ILE A 267 0.97 -21.25 -3.70
N LYS A 268 1.85 -21.45 -2.71
CA LYS A 268 2.18 -20.40 -1.76
C LYS A 268 3.66 -20.09 -1.91
N VAL A 269 3.97 -18.81 -2.04
CA VAL A 269 5.34 -18.32 -2.18
C VAL A 269 5.56 -17.33 -1.05
N THR A 270 6.75 -17.37 -0.46
CA THR A 270 7.12 -16.33 0.51
C THR A 270 8.39 -15.62 0.05
N GLY A 271 8.51 -14.37 0.46
CA GLY A 271 9.69 -13.61 0.10
C GLY A 271 9.54 -12.20 0.61
N LYS A 272 10.17 -11.25 -0.07
CA LYS A 272 10.10 -9.86 0.32
C LYS A 272 9.64 -9.02 -0.85
N VAL A 273 9.13 -7.83 -0.52
CA VAL A 273 8.77 -6.83 -1.52
C VAL A 273 9.31 -5.48 -1.04
N GLN A 274 9.80 -4.68 -1.98
CA GLN A 274 10.20 -3.31 -1.71
C GLN A 274 9.28 -2.36 -2.46
N THR A 275 8.83 -1.26 -1.75
CA THR A 275 8.08 -0.18 -2.39
C THR A 275 9.05 0.91 -2.81
N PRO A 276 8.77 1.56 -3.94
CA PRO A 276 9.65 2.66 -4.36
C PRO A 276 9.70 3.81 -3.37
N TRP A 277 8.77 3.87 -2.40
CA TRP A 277 8.83 4.92 -1.40
C TRP A 277 10.03 4.75 -0.47
N PHE A 278 10.52 3.53 -0.29
CA PHE A 278 11.64 3.30 0.61
C PHE A 278 12.75 2.45 0.01
N GLY A 279 12.53 1.82 -1.15
CA GLY A 279 13.62 1.10 -1.79
C GLY A 279 14.10 -0.05 -0.93
N GLY A 280 15.41 -0.28 -0.95
CA GLY A 280 15.97 -1.38 -0.19
C GLY A 280 16.01 -1.17 1.30
N ASN A 281 15.57 -0.02 1.80
CA ASN A 281 15.65 0.27 3.22
C ASN A 281 14.54 -0.38 4.03
N VAL A 282 13.45 -0.80 3.38
CA VAL A 282 12.36 -1.53 4.05
C VAL A 282 12.04 -2.74 3.18
N GLY A 283 12.33 -3.94 3.68
CA GLY A 283 11.90 -5.16 3.04
C GLY A 283 10.70 -5.71 3.77
N MET A 284 9.57 -5.77 3.08
CA MET A 284 8.34 -6.25 3.69
C MET A 284 8.27 -7.75 3.48
N ASN A 285 7.94 -8.47 4.55
CA ASN A 285 7.80 -9.93 4.46
C ASN A 285 6.41 -10.24 3.93
N ILE A 286 6.35 -10.97 2.82
CA ILE A 286 5.14 -11.15 2.02
C ILE A 286 4.95 -12.62 1.71
N ALA A 287 3.70 -13.07 1.72
CA ALA A 287 3.31 -14.33 1.10
C ALA A 287 2.39 -14.04 -0.08
N TRP A 288 2.57 -14.81 -1.15
CA TRP A 288 1.60 -14.88 -2.25
C TRP A 288 0.89 -16.22 -2.18
N ARG A 289 -0.44 -16.20 -2.27
CA ARG A 289 -1.24 -17.43 -2.29
C ARG A 289 -2.00 -17.47 -3.61
N PHE A 290 -1.58 -18.36 -4.51
CA PHE A 290 -2.18 -18.48 -5.85
C PHE A 290 -3.14 -19.65 -5.90
N LEU A 291 -4.26 -19.45 -6.58
CA LEU A 291 -5.16 -20.55 -6.96
C LEU A 291 -5.29 -20.51 -8.46
N LEU A 292 -4.75 -21.53 -9.13
CA LEU A 292 -4.68 -21.60 -10.59
C LEU A 292 -5.67 -22.62 -11.12
N ASN A 293 -6.33 -22.30 -12.22
CA ASN A 293 -7.25 -23.24 -12.83
C ASN A 293 -6.46 -24.29 -13.60
N PRO A 294 -7.13 -25.29 -14.18
CA PRO A 294 -6.40 -26.38 -14.85
C PRO A 294 -5.55 -25.90 -16.01
N GLU A 295 -5.93 -24.79 -16.66
CA GLU A 295 -5.14 -24.23 -17.74
C GLU A 295 -3.97 -23.40 -17.25
N GLY A 296 -3.85 -23.18 -15.95
CA GLY A 296 -2.77 -22.36 -15.40
C GLY A 296 -3.11 -20.89 -15.24
N LYS A 297 -4.35 -20.50 -15.48
CA LYS A 297 -4.75 -19.11 -15.29
C LYS A 297 -4.97 -18.81 -13.82
N ILE A 298 -4.73 -17.56 -13.43
CA ILE A 298 -4.90 -17.14 -12.04
C ILE A 298 -6.38 -16.87 -11.80
N PHE A 299 -7.02 -17.73 -10.99
CA PHE A 299 -8.38 -17.46 -10.53
C PHE A 299 -8.38 -16.56 -9.32
N PHE A 300 -7.38 -16.70 -8.46
CA PHE A 300 -7.29 -15.89 -7.25
C PHE A 300 -5.82 -15.80 -6.86
N VAL A 301 -5.35 -14.60 -6.54
CA VAL A 301 -4.07 -14.48 -5.84
C VAL A 301 -4.24 -13.51 -4.67
N ALA A 302 -3.86 -13.95 -3.49
CA ALA A 302 -3.80 -13.07 -2.33
C ALA A 302 -2.35 -12.72 -2.03
N ILE A 303 -2.14 -11.47 -1.63
CA ILE A 303 -0.83 -10.99 -1.19
C ILE A 303 -0.97 -10.61 0.28
N ASP A 304 -0.21 -11.29 1.15
CA ASP A 304 -0.33 -11.09 2.60
C ASP A 304 0.95 -10.47 3.14
N LEU A 305 0.78 -9.47 4.02
CA LEU A 305 1.89 -8.99 4.83
C LEU A 305 1.99 -9.90 6.05
N LEU A 306 3.14 -10.53 6.23
CA LEU A 306 3.30 -11.59 7.21
C LEU A 306 3.61 -11.04 8.59
N ALA A 307 3.15 -11.78 9.62
CA ALA A 307 3.20 -11.27 10.99
C ALA A 307 4.63 -11.07 11.47
N SER A 308 5.56 -11.82 10.92
CA SER A 308 6.95 -11.64 11.24
C SER A 308 7.76 -12.44 10.22
N PRO A 309 9.08 -12.25 10.15
CA PRO A 309 9.91 -13.34 9.67
C PRO A 309 9.65 -14.46 10.68
N LYS A 310 9.81 -15.69 10.24
CA LYS A 310 9.21 -16.82 10.93
C LYS A 310 7.74 -16.93 10.57
N GLU A 311 7.33 -16.21 9.52
CA GLU A 311 6.27 -16.67 8.62
C GLU A 311 6.81 -16.97 7.24
N LEU A 312 8.03 -16.53 6.93
CA LEU A 312 8.67 -16.83 5.65
C LEU A 312 8.96 -18.33 5.55
C1 GOL B . 7.65 6.93 -4.93
O1 GOL B . 8.05 6.17 -6.06
C2 GOL B . 7.07 8.27 -5.39
O2 GOL B . 8.06 8.94 -6.13
C3 GOL B . 5.87 8.02 -6.28
O3 GOL B . 5.28 9.27 -6.60
C32 EQ3 C . 2.91 15.70 7.53
C1 EQ3 C . 2.72 14.47 8.45
C31 EQ3 C . 4.08 13.88 8.80
C2 EQ3 C . 2.03 14.91 9.73
C3 EQ3 C . 0.56 15.23 9.47
O3 EQ3 C . 0.02 15.76 10.67
C4 EQ3 C . -0.16 13.95 9.05
C5 EQ3 C . 0.57 13.25 7.91
C33 EQ3 C . -0.27 12.23 7.17
C6 EQ3 C . 1.90 13.41 7.71
C7 EQ3 C . 2.62 12.72 6.60
C8 EQ3 C . 2.74 11.39 6.49
C9 EQ3 C . 3.43 10.74 5.34
C34 EQ3 C . 4.22 11.60 4.38
C10 EQ3 C . 3.53 9.38 5.32
C11 EQ3 C . 4.12 8.60 4.21
C12 EQ3 C . 4.06 7.26 4.26
C13 EQ3 C . 4.46 6.42 3.10
C35 EQ3 C . 5.24 7.02 1.95
C14 EQ3 C . 4.22 5.08 3.20
C15 EQ3 C . 4.36 4.12 2.10
C16 EQ3 C . 4.03 2.83 2.28
C17 EQ3 C . 4.15 1.87 1.17
C18 EQ3 C . 3.75 0.56 1.28
C36 EQ3 C . 3.34 0.00 2.59
C19 EQ3 C . 3.75 -0.28 0.05
C20 EQ3 C . 3.51 -1.61 0.06
C21 EQ3 C . 3.25 -2.31 -1.20
C22 EQ3 C . 3.14 -3.68 -1.28
C37 EQ3 C . 3.19 -4.53 -0.04
C23 EQ3 C . 2.90 -4.26 -2.63
C24 EQ3 C . 2.49 -5.53 -2.81
C25 EQ3 C . 1.95 -6.03 -4.09
C26 EQ3 C . 2.40 -7.24 -4.49
C38 EQ3 C . 3.67 -7.79 -3.91
C27 EQ3 C . 1.82 -7.98 -5.60
O27 EQ3 C . 2.16 -9.13 -5.89
C28 EQ3 C . 0.57 -7.44 -6.25
C29 EQ3 C . 0.49 -5.92 -6.04
C30 EQ3 C . 0.62 -5.49 -4.59
C40 EQ3 C . 0.55 -3.96 -4.50
C39 EQ3 C . -0.54 -6.07 -3.75
H1 EQ3 C . 1.97 16.09 7.27
H2 EQ3 C . 3.43 15.39 6.65
H3 EQ3 C . 3.47 16.44 8.04
H4 EQ3 C . 3.95 13.03 9.42
H5 EQ3 C . 4.65 14.61 9.33
H6 EQ3 C . 4.60 13.61 7.93
H7 EQ3 C . 2.53 15.80 10.13
H8 EQ3 C . 2.12 14.13 10.48
H9 EQ3 C . 0.49 15.96 8.66
H10 EQ3 C . -0.10 15.06 11.31
H11 EQ3 C . -0.22 13.27 9.91
H12 EQ3 C . -1.17 14.19 8.74
H13 EQ3 C . 0.34 11.68 6.52
H14 EQ3 C . -1.02 12.73 6.62
H15 EQ3 C . -0.72 11.57 7.87
H16 EQ3 C . 3.08 13.34 5.83
H17 EQ3 C . 2.33 10.77 7.27
H18 EQ3 C . 4.83 10.98 3.77
H19 EQ3 C . 4.83 12.26 4.94
H20 EQ3 C . 3.57 12.16 3.77
H21 EQ3 C . 3.15 8.84 6.18
H22 EQ3 C . 4.44 9.11 3.32
H23 EQ3 C . 3.72 6.78 5.15
H24 EQ3 C . 5.61 6.24 1.33
H25 EQ3 C . 6.05 7.58 2.34
H26 EQ3 C . 4.61 7.65 1.39
H27 EQ3 C . 3.88 4.71 4.15
H28 EQ3 C . 4.73 4.46 1.13
H29 EQ3 C . 3.68 2.50 3.24
H30 EQ3 C . 4.55 2.21 0.23
H31 EQ3 C . 3.13 -1.03 2.50
H32 EQ3 C . 2.47 0.51 2.94
H33 EQ3 C . 4.12 0.14 3.30
H34 EQ3 C . 3.96 0.19 -0.90
H35 EQ3 C . 3.51 -2.16 0.99
H36 EQ3 C . 3.14 -1.73 -2.10
H37 EQ3 C . 3.04 -5.54 -0.30
H38 EQ3 C . 2.43 -4.22 0.63
H39 EQ3 C . 4.13 -4.41 0.43
H40 EQ3 C . 3.07 -3.64 -3.49
H41 EQ3 C . 2.56 -6.20 -1.98
H42 EQ3 C . 3.99 -8.63 -4.48
H43 EQ3 C . 3.49 -8.09 -2.91
H44 EQ3 C . 4.42 -7.04 -3.92
H45 EQ3 C . -0.31 -7.92 -5.82
H46 EQ3 C . 0.58 -7.65 -7.33
H47 EQ3 C . -0.47 -5.56 -6.43
H48 EQ3 C . 1.27 -5.44 -6.62
H49 EQ3 C . -0.33 -3.61 -4.97
H50 EQ3 C . 1.40 -3.55 -4.97
H51 EQ3 C . 0.53 -3.67 -3.48
H52 EQ3 C . -1.46 -5.78 -4.18
H53 EQ3 C . -0.47 -5.71 -2.77
H54 EQ3 C . -0.47 -7.12 -3.76
#